data_1Y4W
#
_entry.id   1Y4W
#
_cell.length_a   49.954
_cell.length_b   94.029
_cell.length_c   67.634
_cell.angle_alpha   90.00
_cell.angle_beta   107.04
_cell.angle_gamma   90.00
#
_symmetry.space_group_name_H-M   'P 1 21 1'
#
loop_
_entity.id
_entity.type
_entity.pdbx_description
1 polymer exo-inulinase
2 branched 2-acetamido-2-deoxy-beta-D-glucopyranose-(1-4)-2-acetamido-2-deoxy-beta-D-glucopyranose
3 non-polymer 2-acetamido-2-deoxy-beta-D-glucopyranose
4 non-polymer GLYCEROL
5 water water
#
_entity_poly.entity_id   1
_entity_poly.type   'polypeptide(L)'
_entity_poly.pdbx_seq_one_letter_code
;FNYDQPYRGQYHFSPQKNWMNDPNGLLYHNGTYHLFFQYNPGGIEWGNISWGHAISEDLTHWEEKPVALLARGFGSDVTE
MYFSGSAVADVNNTSGFGKDGKTPLVAMYTSYYPVAQTLPSGQTVQEDQQSQSIAYSLDDGLTWTTYDAANPVIPNPPSP
YEAEYQNFRDPFVFWHDESQKWVVVTSIAELHKLAIYTSDNLKDWKLVSEFGPYNAQGGVWECPGLVKLPLDSGNSTKWV
ITSGLNPGGPPGTVGSGTQYFVGEFDGTTFTPDADTVYPGNSTANWMDWGPDFYAAAGYNGLSLNDHVHIGWMNNWQYGA
NIPTYPWRSAMAIPRHMALKTIGSKATLVQQPQEAWSSISNKRPIYSRTFKTLSEGSTNTTTTGETFKVDLSFSAKSKAS
TFAIALRASANFTEQTLVGYDFAKQQIFLDRTHSGDVSFDETFASVYHGPLTPDSTGVVKLSIFVDRSSVEVFGGQGETT
LTAQIFPSSDAVHARLASTGGTTEDVRADIYKIASTWN
;
_entity_poly.pdbx_strand_id   A
#
loop_
_chem_comp.id
_chem_comp.type
_chem_comp.name
_chem_comp.formula
GOL non-polymer GLYCEROL 'C3 H8 O3'
NAG D-saccharide, beta linking 2-acetamido-2-deoxy-beta-D-glucopyranose 'C8 H15 N O6'
#
# COMPACT_ATOMS: atom_id res chain seq x y z
N PHE A 1 -4.48 -10.99 22.79
CA PHE A 1 -5.57 -10.05 22.41
C PHE A 1 -6.57 -10.75 21.49
N ASN A 2 -7.86 -10.48 21.74
CA ASN A 2 -8.93 -11.03 20.92
C ASN A 2 -9.29 -10.06 19.80
N TYR A 3 -9.01 -10.46 18.56
CA TYR A 3 -9.26 -9.62 17.40
C TYR A 3 -10.62 -9.88 16.75
N ASP A 4 -11.53 -10.50 17.49
CA ASP A 4 -12.86 -10.81 16.94
C ASP A 4 -13.82 -9.63 17.12
N GLN A 5 -13.65 -8.62 16.28
CA GLN A 5 -14.58 -7.49 16.20
C GLN A 5 -15.22 -7.42 14.81
N PRO A 6 -16.45 -6.89 14.72
CA PRO A 6 -16.99 -6.62 13.40
C PRO A 6 -16.01 -5.71 12.65
N TYR A 7 -15.88 -5.96 11.35
CA TYR A 7 -15.00 -5.19 10.45
C TYR A 7 -13.50 -5.44 10.63
N ARG A 8 -13.11 -6.20 11.65
CA ARG A 8 -11.69 -6.48 11.86
C ARG A 8 -11.17 -7.48 10.83
N GLY A 9 -10.32 -7.02 9.91
CA GLY A 9 -9.71 -7.92 8.94
C GLY A 9 -8.95 -9.01 9.66
N GLN A 10 -9.21 -10.26 9.29
CA GLN A 10 -8.55 -11.40 9.92
C GLN A 10 -7.26 -11.82 9.21
N TYR A 11 -7.04 -11.27 8.01
CA TYR A 11 -5.78 -11.49 7.30
C TYR A 11 -5.23 -10.20 6.67
N HIS A 12 -5.45 -9.11 7.41
CA HIS A 12 -4.84 -7.83 7.13
C HIS A 12 -4.31 -7.28 8.43
N PHE A 13 -3.14 -6.64 8.40
CA PHE A 13 -2.63 -6.07 9.64
C PHE A 13 -3.44 -4.85 10.10
N SER A 14 -3.77 -4.84 11.38
CA SER A 14 -4.25 -3.65 12.05
C SER A 14 -3.72 -3.66 13.49
N PRO A 15 -3.55 -2.47 14.11
CA PRO A 15 -3.11 -2.45 15.49
C PRO A 15 -4.27 -2.89 16.39
N GLN A 16 -3.94 -3.42 17.57
CA GLN A 16 -4.99 -3.85 18.50
C GLN A 16 -5.96 -2.73 18.81
N LYS A 17 -5.41 -1.54 19.09
CA LYS A 17 -6.24 -0.35 19.31
C LYS A 17 -5.65 0.87 18.62
N ASN A 18 -6.46 1.92 18.51
CA ASN A 18 -6.02 3.24 18.06
C ASN A 18 -5.84 3.36 16.56
N TRP A 19 -5.46 4.57 16.13
CA TRP A 19 -5.31 4.95 14.73
C TRP A 19 -3.98 4.52 14.14
N MET A 20 -4.04 4.03 12.90
CA MET A 20 -2.85 3.75 12.09
C MET A 20 -2.97 4.37 10.70
N ASN A 21 -1.89 4.97 10.20
CA ASN A 21 -1.76 5.26 8.76
C ASN A 21 -0.55 4.58 8.09
N ASP A 22 0.29 5.35 7.38
CA ASP A 22 1.28 4.80 6.42
C ASP A 22 2.15 3.67 6.97
N PRO A 23 2.40 2.63 6.16
CA PRO A 23 3.45 1.68 6.56
C PRO A 23 4.83 2.33 6.52
N ASN A 24 5.69 1.96 7.47
CA ASN A 24 7.02 2.55 7.61
C ASN A 24 8.06 1.49 7.86
N GLY A 25 9.31 1.81 7.53
CA GLY A 25 10.45 1.01 7.97
C GLY A 25 10.37 -0.46 7.59
N LEU A 26 9.83 -0.72 6.40
CA LEU A 26 9.67 -2.10 5.96
C LEU A 26 11.04 -2.69 5.69
N LEU A 27 11.38 -3.71 6.47
CA LEU A 27 12.68 -4.34 6.39
C LEU A 27 12.57 -5.81 6.71
N TYR A 28 13.13 -6.63 5.81
CA TYR A 28 13.30 -8.04 6.08
C TYR A 28 14.74 -8.26 6.59
N HIS A 29 14.87 -8.83 7.79
CA HIS A 29 16.15 -8.96 8.50
C HIS A 29 16.17 -10.29 9.26
N ASN A 30 17.13 -11.16 8.95
CA ASN A 30 17.31 -12.43 9.68
C ASN A 30 15.99 -13.22 9.82
N GLY A 31 15.26 -13.32 8.72
CA GLY A 31 14.03 -14.12 8.67
C GLY A 31 12.77 -13.43 9.15
N THR A 32 12.89 -12.18 9.58
CA THR A 32 11.76 -11.44 10.12
C THR A 32 11.37 -10.29 9.21
N TYR A 33 10.08 -10.20 8.90
CA TYR A 33 9.52 -9.02 8.24
C TYR A 33 9.06 -8.04 9.29
N HIS A 34 9.70 -6.87 9.30
CA HIS A 34 9.29 -5.76 10.15
C HIS A 34 8.25 -4.92 9.45
N LEU A 35 7.22 -4.53 10.19
CA LEU A 35 6.21 -3.60 9.72
C LEU A 35 6.08 -2.52 10.77
N PHE A 36 6.64 -1.35 10.48
CA PHE A 36 6.38 -0.20 11.33
C PHE A 36 5.24 0.57 10.67
N PHE A 37 4.66 1.53 11.40
CA PHE A 37 3.52 2.26 10.87
C PHE A 37 3.24 3.54 11.63
N GLN A 38 2.73 4.53 10.92
CA GLN A 38 2.26 5.75 11.55
C GLN A 38 1.15 5.38 12.51
N TYR A 39 1.26 5.86 13.75
CA TYR A 39 0.44 5.33 14.84
C TYR A 39 0.16 6.38 15.91
N ASN A 40 -1.08 6.41 16.40
CA ASN A 40 -1.45 7.28 17.53
C ASN A 40 -1.64 6.45 18.79
N PRO A 41 -0.64 6.43 19.70
CA PRO A 41 -0.78 5.63 20.93
C PRO A 41 -1.85 6.14 21.91
N GLY A 42 -2.45 7.27 21.59
CA GLY A 42 -3.43 7.88 22.50
C GLY A 42 -4.78 8.21 21.90
N GLY A 43 -5.10 7.68 20.73
CA GLY A 43 -6.39 7.99 20.14
C GLY A 43 -6.73 7.25 18.87
N ILE A 44 -7.99 7.37 18.46
CA ILE A 44 -8.53 6.59 17.35
C ILE A 44 -8.51 7.35 16.02
N GLU A 45 -8.07 8.61 16.05
CA GLU A 45 -7.82 9.38 14.83
C GLU A 45 -6.37 9.88 14.76
N TRP A 46 -6.00 10.52 13.66
CA TRP A 46 -4.62 10.96 13.46
C TRP A 46 -4.16 11.92 14.56
N GLY A 47 -3.01 11.62 15.18
CA GLY A 47 -2.45 12.46 16.24
C GLY A 47 -1.31 11.76 16.96
N ASN A 48 -0.56 12.51 17.77
CA ASN A 48 0.53 11.95 18.57
C ASN A 48 1.41 11.01 17.75
N ILE A 49 1.75 11.42 16.53
CA ILE A 49 2.22 10.43 15.57
C ILE A 49 3.55 9.83 15.98
N SER A 50 3.54 8.50 15.99
CA SER A 50 4.61 7.64 16.46
C SER A 50 4.80 6.52 15.44
N TRP A 51 5.95 5.85 15.48
CA TRP A 51 6.10 4.59 14.74
C TRP A 51 5.70 3.42 15.62
N GLY A 52 4.56 2.80 15.31
CA GLY A 52 4.21 1.49 15.86
C GLY A 52 5.04 0.40 15.19
N HIS A 53 4.96 -0.81 15.74
CA HIS A 53 5.80 -1.89 15.24
C HIS A 53 5.09 -3.23 15.37
N ALA A 54 5.16 -4.03 14.31
CA ALA A 54 4.73 -5.43 14.32
C ALA A 54 5.74 -6.26 13.55
N ILE A 55 5.76 -7.56 13.83
CA ILE A 55 6.67 -8.47 13.10
C ILE A 55 5.94 -9.72 12.62
N SER A 56 6.45 -10.33 11.55
CA SER A 56 5.99 -11.64 11.13
C SER A 56 7.15 -12.39 10.46
N GLU A 57 7.00 -13.71 10.35
CA GLU A 57 7.97 -14.52 9.62
C GLU A 57 7.50 -14.78 8.19
N ASP A 58 6.24 -14.42 7.92
CA ASP A 58 5.58 -14.87 6.70
C ASP A 58 4.63 -13.84 6.05
N LEU A 59 4.71 -12.58 6.49
CA LEU A 59 3.84 -11.51 5.99
C LEU A 59 2.35 -11.77 6.23
N THR A 60 2.05 -12.67 7.16
CA THR A 60 0.71 -13.20 7.34
C THR A 60 0.28 -13.21 8.81
N HIS A 61 1.08 -13.86 9.65
CA HIS A 61 0.80 -13.95 11.09
C HIS A 61 1.61 -12.90 11.84
N TRP A 62 0.98 -11.74 12.06
CA TRP A 62 1.64 -10.60 12.68
C TRP A 62 1.58 -10.65 14.19
N GLU A 63 2.66 -10.21 14.82
CA GLU A 63 2.73 -10.01 16.26
C GLU A 63 3.03 -8.54 16.53
N GLU A 64 2.12 -7.87 17.23
CA GLU A 64 2.33 -6.45 17.56
C GLU A 64 3.40 -6.34 18.63
N LYS A 65 4.25 -5.32 18.46
CA LYS A 65 5.40 -5.10 19.36
C LYS A 65 5.26 -3.73 20.05
N PRO A 66 6.14 -3.43 21.01
CA PRO A 66 6.12 -2.09 21.61
C PRO A 66 6.34 -0.97 20.59
N VAL A 67 5.80 0.21 20.88
CA VAL A 67 6.02 1.39 20.03
C VAL A 67 7.53 1.58 19.84
N ALA A 68 7.94 1.79 18.59
CA ALA A 68 9.36 1.93 18.25
C ALA A 68 9.87 3.37 18.43
N LEU A 69 9.12 4.33 17.90
CA LEU A 69 9.45 5.75 18.07
C LEU A 69 8.22 6.42 18.63
N LEU A 70 8.24 6.69 19.94
CA LEU A 70 7.10 7.29 20.62
C LEU A 70 7.20 8.81 20.57
N ALA A 71 6.17 9.47 20.03
CA ALA A 71 6.15 10.92 19.92
C ALA A 71 6.78 11.53 21.17
N ARG A 72 7.73 12.44 20.93
CA ARG A 72 8.53 13.02 22.01
C ARG A 72 7.64 13.95 22.82
N GLY A 73 7.56 13.70 24.12
CA GLY A 73 6.64 14.46 24.98
C GLY A 73 5.25 13.86 25.08
N PHE A 74 5.07 12.64 24.55
CA PHE A 74 3.76 11.98 24.63
C PHE A 74 3.24 11.97 26.06
N GLY A 75 1.96 12.29 26.23
CA GLY A 75 1.33 12.37 27.56
C GLY A 75 1.55 13.71 28.25
N SER A 76 2.39 14.53 27.61
CA SER A 76 2.72 15.87 28.09
C SER A 76 2.58 16.78 26.87
N ASP A 77 3.46 17.78 26.74
CA ASP A 77 3.46 18.62 25.56
C ASP A 77 4.37 17.99 24.51
N VAL A 78 3.78 17.61 23.38
CA VAL A 78 4.50 16.89 22.33
C VAL A 78 5.33 17.87 21.51
N THR A 79 6.63 17.56 21.37
CA THR A 79 7.58 18.47 20.72
C THR A 79 8.16 17.91 19.41
N GLU A 80 7.94 16.61 19.17
CA GLU A 80 8.43 15.99 17.94
C GLU A 80 7.55 14.79 17.64
N MET A 81 7.04 14.75 16.41
CA MET A 81 6.31 13.57 15.94
C MET A 81 7.13 12.88 14.87
N TYR A 82 6.91 11.58 14.74
CA TYR A 82 7.69 10.74 13.86
C TYR A 82 6.88 10.36 12.64
N PHE A 83 6.98 11.21 11.63
CA PHE A 83 6.28 10.98 10.37
C PHE A 83 6.98 9.86 9.58
N SER A 84 6.50 9.61 8.36
CA SER A 84 6.86 8.40 7.64
C SER A 84 8.32 8.29 7.25
N GLY A 85 8.74 7.06 7.02
CA GLY A 85 10.11 6.78 6.59
C GLY A 85 10.35 5.30 6.44
N SER A 86 11.63 4.94 6.47
CA SER A 86 12.10 3.63 6.02
C SER A 86 13.20 3.14 6.94
N ALA A 87 13.66 1.91 6.74
CA ALA A 87 14.71 1.37 7.57
C ALA A 87 15.58 0.41 6.79
N VAL A 88 16.85 0.37 7.18
CA VAL A 88 17.85 -0.48 6.54
C VAL A 88 18.67 -1.23 7.58
N ALA A 89 19.27 -2.32 7.13
CA ALA A 89 20.24 -3.04 7.96
C ALA A 89 21.63 -2.56 7.56
N ASP A 90 22.26 -1.79 8.44
CA ASP A 90 23.60 -1.25 8.18
C ASP A 90 24.63 -2.31 8.61
N VAL A 91 24.67 -3.40 7.84
CA VAL A 91 25.43 -4.60 8.24
C VAL A 91 26.96 -4.42 8.32
N ASN A 92 27.46 -3.40 7.62
CA ASN A 92 28.89 -3.07 7.66
C ASN A 92 29.17 -1.92 8.64
N ASN A 93 28.13 -1.46 9.33
CA ASN A 93 28.28 -0.41 10.34
C ASN A 93 28.93 0.85 9.77
N THR A 94 28.44 1.28 8.61
CA THR A 94 28.90 2.54 8.00
C THR A 94 28.50 3.75 8.85
N SER A 95 27.42 3.60 9.64
CA SER A 95 26.92 4.68 10.49
C SER A 95 27.74 4.86 11.76
N GLY A 96 28.48 3.80 12.15
CA GLY A 96 29.22 3.83 13.41
C GLY A 96 28.39 3.60 14.66
N PHE A 97 27.08 3.40 14.50
CA PHE A 97 26.20 3.17 15.66
C PHE A 97 26.33 1.77 16.27
N GLY A 98 26.94 0.83 15.54
CA GLY A 98 27.19 -0.51 16.09
C GLY A 98 28.17 -0.43 17.25
N LYS A 99 28.03 -1.33 18.21
CA LYS A 99 28.95 -1.39 19.35
C LYS A 99 29.72 -2.72 19.34
N ASP A 100 29.56 -3.52 20.40
CA ASP A 100 30.16 -4.86 20.43
C ASP A 100 29.10 -5.98 20.36
N GLY A 101 27.89 -5.64 19.94
CA GLY A 101 26.82 -6.64 19.79
C GLY A 101 26.47 -6.82 18.33
N LYS A 102 25.18 -6.66 18.02
CA LYS A 102 24.69 -6.66 16.64
C LYS A 102 25.01 -5.35 15.93
N THR A 103 25.31 -5.42 14.64
CA THR A 103 25.40 -4.23 13.77
C THR A 103 24.05 -3.52 13.81
N PRO A 104 24.02 -2.22 13.51
CA PRO A 104 22.76 -1.50 13.71
C PRO A 104 21.74 -1.60 12.57
N LEU A 105 20.46 -1.54 12.93
CA LEU A 105 19.42 -1.15 12.00
C LEU A 105 19.28 0.36 12.11
N VAL A 106 19.06 1.03 10.98
CA VAL A 106 18.93 2.49 10.97
C VAL A 106 17.61 2.85 10.31
N ALA A 107 16.81 3.66 11.01
CA ALA A 107 15.57 4.22 10.48
C ALA A 107 15.80 5.65 10.03
N MET A 108 15.23 6.01 8.88
CA MET A 108 15.26 7.40 8.43
C MET A 108 13.83 7.84 8.26
N TYR A 109 13.48 8.96 8.89
CA TYR A 109 12.09 9.38 9.02
C TYR A 109 12.00 10.89 8.97
N THR A 110 10.78 11.38 8.75
CA THR A 110 10.53 12.81 8.80
C THR A 110 10.21 13.19 10.23
N SER A 111 11.03 14.05 10.81
CA SER A 111 10.68 14.70 12.07
C SER A 111 9.69 15.81 11.75
N TYR A 112 8.56 15.81 12.44
CA TYR A 112 7.63 16.93 12.37
C TYR A 112 7.67 17.67 13.70
N TYR A 113 7.90 18.97 13.64
CA TYR A 113 8.05 19.77 14.86
C TYR A 113 6.82 20.65 15.05
N PRO A 114 5.94 20.30 16.01
CA PRO A 114 4.70 21.10 16.23
C PRO A 114 4.97 22.50 16.78
N VAL A 115 6.16 22.72 17.33
CA VAL A 115 6.54 23.99 17.94
C VAL A 115 7.97 24.35 17.54
N ALA A 116 8.22 25.65 17.40
CA ALA A 116 9.57 26.16 17.19
C ALA A 116 10.42 25.84 18.41
N GLN A 117 11.67 25.46 18.17
CA GLN A 117 12.54 25.00 19.25
C GLN A 117 13.98 24.91 18.80
N THR A 118 14.88 24.86 19.79
CA THR A 118 16.28 24.51 19.55
C THR A 118 16.48 23.06 19.98
N LEU A 119 17.06 22.26 19.08
CA LEU A 119 17.27 20.83 19.30
C LEU A 119 18.61 20.54 19.96
N PRO A 120 18.77 19.33 20.54
CA PRO A 120 20.05 18.97 21.15
C PRO A 120 21.27 19.08 20.22
N SER A 121 21.04 19.00 18.91
CA SER A 121 22.09 19.18 17.91
C SER A 121 22.55 20.64 17.80
N GLY A 122 21.76 21.55 18.37
CA GLY A 122 22.04 22.99 18.28
C GLY A 122 21.32 23.66 17.14
N GLN A 123 20.71 22.85 16.27
CA GLN A 123 19.90 23.37 15.18
C GLN A 123 18.61 23.97 15.72
N THR A 124 18.15 25.02 15.06
CA THR A 124 16.87 25.64 15.40
C THR A 124 15.87 25.28 14.31
N VAL A 125 14.66 24.87 14.73
CA VAL A 125 13.60 24.53 13.79
C VAL A 125 12.36 25.39 14.01
N GLN A 126 11.57 25.57 12.95
CA GLN A 126 10.35 26.38 13.01
C GLN A 126 9.10 25.55 13.27
N GLU A 127 8.04 26.22 13.72
CA GLU A 127 6.75 25.58 13.90
C GLU A 127 6.31 24.93 12.59
N ASP A 128 5.90 23.66 12.67
CA ASP A 128 5.40 22.88 11.54
C ASP A 128 6.45 22.48 10.52
N GLN A 129 7.72 22.65 10.88
CA GLN A 129 8.82 22.24 10.02
C GLN A 129 8.86 20.71 9.90
N GLN A 130 9.22 20.26 8.70
CA GLN A 130 9.47 18.85 8.41
C GLN A 130 10.91 18.70 7.95
N SER A 131 11.67 17.82 8.62
CA SER A 131 13.08 17.59 8.31
C SER A 131 13.34 16.09 8.35
N GLN A 132 14.47 15.64 7.80
CA GLN A 132 14.78 14.20 7.79
C GLN A 132 15.78 13.87 8.89
N SER A 133 15.43 12.87 9.70
CA SER A 133 16.23 12.47 10.85
C SER A 133 16.47 10.97 10.83
N ILE A 134 17.40 10.51 11.68
CA ILE A 134 17.68 9.07 11.80
C ILE A 134 17.70 8.56 13.24
N ALA A 135 17.45 7.27 13.39
CA ALA A 135 17.51 6.58 14.68
C ALA A 135 18.15 5.23 14.44
N TYR A 136 18.65 4.60 15.50
CA TYR A 136 19.27 3.29 15.33
C TYR A 136 18.82 2.28 16.39
N SER A 137 18.89 1.01 16.02
CA SER A 137 18.52 -0.07 16.92
C SER A 137 19.61 -1.13 16.94
N LEU A 138 19.96 -1.57 18.14
CA LEU A 138 20.96 -2.62 18.32
C LEU A 138 20.34 -3.92 18.83
N ASP A 139 19.01 -3.97 18.88
CA ASP A 139 18.30 -5.17 19.31
C ASP A 139 17.29 -5.65 18.26
N ASP A 140 17.69 -5.59 16.99
CA ASP A 140 16.89 -6.10 15.89
C ASP A 140 15.53 -5.38 15.78
N GLY A 141 15.51 -4.09 16.14
CA GLY A 141 14.34 -3.25 15.89
C GLY A 141 13.34 -3.14 17.03
N LEU A 142 13.63 -3.79 18.17
CA LEU A 142 12.74 -3.73 19.31
C LEU A 142 12.71 -2.32 19.93
N THR A 143 13.91 -1.78 20.19
CA THR A 143 14.05 -0.42 20.73
C THR A 143 14.97 0.41 19.84
N TRP A 144 14.77 1.72 19.90
CA TRP A 144 15.42 2.67 19.03
C TRP A 144 15.95 3.87 19.79
N THR A 145 17.09 4.37 19.35
CA THR A 145 17.69 5.58 19.91
C THR A 145 17.78 6.61 18.80
N THR A 146 17.19 7.78 19.02
CA THR A 146 17.25 8.86 18.04
C THR A 146 18.63 9.52 18.06
N TYR A 147 19.09 9.94 16.87
CA TYR A 147 20.44 10.53 16.72
C TYR A 147 20.43 12.00 17.13
N ASP A 148 20.27 12.23 18.44
CA ASP A 148 20.05 13.56 18.99
C ASP A 148 21.21 14.51 18.72
N ALA A 149 22.43 13.97 18.69
CA ALA A 149 23.63 14.79 18.54
C ALA A 149 23.65 15.63 17.26
N ALA A 150 23.02 15.11 16.20
CA ALA A 150 23.05 15.77 14.89
C ALA A 150 21.72 15.89 14.13
N ASN A 151 20.65 15.26 14.63
CA ASN A 151 19.35 15.38 13.97
C ASN A 151 18.87 16.84 13.92
N PRO A 152 18.15 17.22 12.85
CA PRO A 152 17.94 16.41 11.64
C PRO A 152 19.15 16.39 10.72
N VAL A 153 19.33 15.28 10.01
CA VAL A 153 20.46 15.10 9.10
C VAL A 153 20.24 15.73 7.73
N ILE A 154 18.97 15.93 7.35
CA ILE A 154 18.63 16.77 6.20
C ILE A 154 17.59 17.79 6.67
N PRO A 155 18.05 18.92 7.24
CA PRO A 155 17.12 19.89 7.81
C PRO A 155 16.20 20.58 6.80
N ASN A 156 16.73 20.94 5.64
CA ASN A 156 16.05 21.86 4.72
C ASN A 156 15.80 21.27 3.35
N PRO A 157 14.70 21.67 2.69
CA PRO A 157 14.56 21.26 1.29
C PRO A 157 15.68 21.88 0.47
N PRO A 158 15.98 21.30 -0.70
CA PRO A 158 17.06 21.85 -1.53
C PRO A 158 16.71 23.26 -2.03
N SER A 159 17.72 24.12 -2.18
CA SER A 159 17.53 25.38 -2.89
C SER A 159 17.08 25.07 -4.32
N PRO A 160 16.18 25.90 -4.90
CA PRO A 160 15.59 27.13 -4.35
C PRO A 160 14.25 26.92 -3.66
N TYR A 161 14.05 25.74 -3.08
CA TYR A 161 12.76 25.37 -2.50
C TYR A 161 12.71 25.45 -0.97
N GLU A 162 13.51 26.36 -0.41
CA GLU A 162 13.57 26.51 1.04
C GLU A 162 12.19 26.77 1.67
N ALA A 163 11.32 27.44 0.91
CA ALA A 163 9.98 27.79 1.38
C ALA A 163 9.10 26.56 1.63
N GLU A 164 9.56 25.41 1.16
CA GLU A 164 8.81 24.16 1.27
C GLU A 164 9.09 23.40 2.57
N TYR A 165 9.65 24.10 3.55
CA TYR A 165 10.08 23.48 4.81
C TYR A 165 8.97 22.78 5.61
N GLN A 166 7.71 23.13 5.37
CA GLN A 166 6.57 22.47 6.01
C GLN A 166 6.08 21.22 5.26
N ASN A 167 6.60 21.01 4.06
CA ASN A 167 6.16 19.89 3.21
C ASN A 167 7.33 19.26 2.49
N PHE A 168 8.09 18.48 3.26
CA PHE A 168 9.35 17.92 2.80
C PHE A 168 9.52 16.65 3.60
N ARG A 169 9.18 15.52 3.00
CA ARG A 169 8.92 14.34 3.82
C ARG A 169 9.03 12.96 3.17
N ASP A 170 8.95 11.95 4.02
CA ASP A 170 8.79 10.53 3.63
C ASP A 170 10.04 9.93 2.98
N PRO A 171 11.19 9.97 3.68
CA PRO A 171 12.42 9.44 3.11
C PRO A 171 12.38 7.93 2.94
N PHE A 172 12.64 7.47 1.72
CA PHE A 172 12.88 6.06 1.47
C PHE A 172 14.37 5.85 1.17
N VAL A 173 15.07 5.24 2.12
CA VAL A 173 16.49 4.97 1.99
C VAL A 173 16.75 3.49 1.68
N PHE A 174 17.77 3.25 0.87
CA PHE A 174 18.19 1.89 0.53
C PHE A 174 19.66 1.85 0.17
N TRP A 175 20.26 0.66 0.28
CA TRP A 175 21.62 0.48 -0.19
C TRP A 175 21.59 0.18 -1.68
N HIS A 176 22.27 1.01 -2.46
CA HIS A 176 22.38 0.82 -3.90
C HIS A 176 23.64 0.01 -4.22
N ASP A 177 23.45 -1.26 -4.54
CA ASP A 177 24.56 -2.20 -4.80
C ASP A 177 25.55 -1.68 -5.86
N GLU A 178 25.00 -1.17 -6.97
CA GLU A 178 25.81 -0.80 -8.14
C GLU A 178 26.79 0.35 -7.89
N SER A 179 26.41 1.31 -7.06
CA SER A 179 27.26 2.47 -6.77
C SER A 179 27.88 2.40 -5.38
N GLN A 180 27.50 1.38 -4.61
CA GLN A 180 27.96 1.21 -3.23
C GLN A 180 27.75 2.49 -2.42
N LYS A 181 26.51 2.96 -2.42
CA LYS A 181 26.10 4.17 -1.74
C LYS A 181 24.72 3.96 -1.13
N TRP A 182 24.46 4.61 0.00
CA TRP A 182 23.10 4.76 0.50
C TRP A 182 22.41 5.81 -0.38
N VAL A 183 21.18 5.52 -0.79
CA VAL A 183 20.37 6.44 -1.60
C VAL A 183 19.08 6.70 -0.85
N VAL A 184 18.69 7.98 -0.74
CA VAL A 184 17.39 8.30 -0.15
C VAL A 184 16.55 9.13 -1.11
N VAL A 185 15.27 8.77 -1.22
CA VAL A 185 14.31 9.54 -2.03
C VAL A 185 13.32 10.22 -1.09
N THR A 186 13.20 11.53 -1.24
CA THR A 186 12.30 12.36 -0.41
C THR A 186 11.30 13.07 -1.32
N SER A 187 10.21 13.55 -0.71
CA SER A 187 9.19 14.29 -1.48
C SER A 187 9.08 15.76 -1.07
N ILE A 188 9.24 16.64 -2.06
CA ILE A 188 8.91 18.06 -1.87
C ILE A 188 7.44 18.13 -2.24
N ALA A 189 6.60 17.86 -1.25
CA ALA A 189 5.24 17.34 -1.47
C ALA A 189 4.35 18.25 -2.31
N GLU A 190 4.39 19.56 -2.01
CA GLU A 190 3.51 20.53 -2.69
C GLU A 190 3.95 20.82 -4.12
N LEU A 191 5.22 20.58 -4.41
CA LEU A 191 5.76 20.82 -5.75
C LEU A 191 5.70 19.59 -6.65
N HIS A 192 5.23 18.47 -6.09
CA HIS A 192 5.09 17.24 -6.88
C HIS A 192 6.45 16.84 -7.48
N LYS A 193 7.47 16.90 -6.64
CA LYS A 193 8.84 16.70 -7.06
C LYS A 193 9.56 15.90 -5.99
N LEU A 194 10.36 14.93 -6.42
CA LEU A 194 11.17 14.17 -5.48
C LEU A 194 12.62 14.66 -5.50
N ALA A 195 13.27 14.63 -4.34
CA ALA A 195 14.68 14.96 -4.24
C ALA A 195 15.45 13.73 -3.77
N ILE A 196 16.52 13.40 -4.49
CA ILE A 196 17.32 12.20 -4.24
C ILE A 196 18.69 12.60 -3.71
N TYR A 197 19.10 11.98 -2.60
CA TYR A 197 20.41 12.24 -2.00
C TYR A 197 21.19 10.95 -1.86
N THR A 198 22.51 11.06 -1.76
CA THR A 198 23.36 9.90 -1.47
C THR A 198 24.20 10.11 -0.21
N SER A 199 24.69 9.00 0.35
CA SER A 199 25.51 9.06 1.56
C SER A 199 26.40 7.83 1.67
N ASP A 200 27.56 8.02 2.29
CA ASP A 200 28.46 6.92 2.64
C ASP A 200 28.27 6.41 4.07
N ASN A 201 27.41 7.07 4.86
CA ASN A 201 27.33 6.75 6.29
C ASN A 201 25.97 6.94 6.95
N LEU A 202 24.95 7.27 6.14
CA LEU A 202 23.56 7.52 6.60
C LEU A 202 23.37 8.82 7.38
N LYS A 203 24.47 9.54 7.62
CA LYS A 203 24.45 10.78 8.41
C LYS A 203 24.67 12.03 7.57
N ASP A 204 25.59 11.93 6.60
CA ASP A 204 25.96 13.05 5.75
C ASP A 204 25.42 12.84 4.34
N TRP A 205 24.55 13.75 3.90
CA TRP A 205 23.79 13.57 2.68
C TRP A 205 24.12 14.63 1.62
N LYS A 206 24.19 14.19 0.37
CA LYS A 206 24.48 15.08 -0.76
C LYS A 206 23.33 14.96 -1.76
N LEU A 207 22.76 16.10 -2.16
CA LEU A 207 21.70 16.12 -3.18
C LEU A 207 22.30 15.73 -4.53
N VAL A 208 21.67 14.77 -5.21
CA VAL A 208 22.17 14.32 -6.51
C VAL A 208 21.24 14.50 -7.70
N SER A 209 19.93 14.51 -7.45
CA SER A 209 18.97 14.75 -8.54
C SER A 209 17.58 15.05 -8.01
N GLU A 210 16.72 15.51 -8.91
CA GLU A 210 15.31 15.70 -8.62
C GLU A 210 14.48 15.08 -9.72
N PHE A 211 13.31 14.54 -9.34
CA PHE A 211 12.43 13.87 -10.29
C PHE A 211 11.02 14.42 -10.23
N GLY A 212 10.50 14.76 -11.40
CA GLY A 212 9.11 15.21 -11.50
C GLY A 212 8.99 16.72 -11.49
N PRO A 213 7.75 17.24 -11.61
CA PRO A 213 6.50 16.47 -11.76
C PRO A 213 6.30 15.81 -13.12
N TYR A 214 5.58 14.69 -13.11
CA TYR A 214 5.03 14.05 -14.30
C TYR A 214 3.69 13.45 -13.92
N ASN A 215 2.85 13.19 -14.92
CA ASN A 215 1.59 12.45 -14.72
C ASN A 215 0.71 13.06 -13.63
N ALA A 216 0.17 12.25 -12.71
CA ALA A 216 -0.82 12.76 -11.76
C ALA A 216 -0.25 13.78 -10.77
N GLN A 217 -0.88 14.95 -10.73
CA GLN A 217 -0.41 16.08 -9.93
C GLN A 217 -1.56 16.78 -9.18
N GLY A 218 -2.69 16.07 -9.05
CA GLY A 218 -3.89 16.63 -8.44
C GLY A 218 -3.93 16.60 -6.92
N GLY A 219 -2.78 16.33 -6.30
CA GLY A 219 -2.66 16.29 -4.85
C GLY A 219 -1.20 16.30 -4.46
N VAL A 220 -0.92 16.41 -3.17
CA VAL A 220 0.47 16.45 -2.71
C VAL A 220 1.12 15.09 -2.91
N TRP A 221 2.37 15.09 -3.35
CA TRP A 221 3.10 13.84 -3.56
C TRP A 221 3.68 13.33 -2.25
N GLU A 222 3.48 12.04 -1.99
CA GLU A 222 3.91 11.45 -0.74
C GLU A 222 4.48 10.05 -0.93
N CYS A 223 5.22 9.60 0.08
CA CYS A 223 5.69 8.20 0.15
C CYS A 223 6.35 7.68 -1.13
N PRO A 224 7.44 8.34 -1.55
CA PRO A 224 8.16 7.87 -2.73
C PRO A 224 8.92 6.58 -2.44
N GLY A 225 9.15 5.79 -3.48
CA GLY A 225 9.93 4.56 -3.38
C GLY A 225 10.64 4.34 -4.69
N LEU A 226 11.71 3.54 -4.64
CA LEU A 226 12.51 3.24 -5.81
C LEU A 226 13.05 1.83 -5.66
N VAL A 227 12.70 0.97 -6.60
CA VAL A 227 13.05 -0.45 -6.52
C VAL A 227 13.34 -1.03 -7.89
N LYS A 228 14.28 -1.98 -7.95
CA LYS A 228 14.62 -2.67 -9.18
C LYS A 228 13.79 -3.95 -9.29
N LEU A 229 13.03 -4.07 -10.38
CA LEU A 229 12.13 -5.20 -10.57
C LEU A 229 12.48 -6.04 -11.79
N PRO A 230 12.23 -7.35 -11.73
CA PRO A 230 12.45 -8.18 -12.90
C PRO A 230 11.36 -7.97 -13.93
N LEU A 231 11.73 -8.04 -15.21
CA LEU A 231 10.80 -7.90 -16.32
C LEU A 231 10.67 -9.24 -17.04
N ASP A 232 9.45 -9.73 -17.13
CA ASP A 232 9.16 -11.03 -17.75
C ASP A 232 9.95 -12.16 -17.11
N SER A 233 10.38 -13.14 -17.90
CA SER A 233 10.98 -14.36 -17.35
C SER A 233 12.49 -14.50 -17.59
N GLY A 234 13.09 -13.48 -18.21
CA GLY A 234 14.53 -13.49 -18.49
C GLY A 234 15.32 -12.66 -17.49
N ASN A 235 16.44 -12.12 -17.96
CA ASN A 235 17.35 -11.36 -17.10
C ASN A 235 17.14 -9.84 -17.14
N SER A 236 16.11 -9.39 -17.86
CA SER A 236 15.82 -7.96 -17.99
C SER A 236 15.26 -7.42 -16.68
N THR A 237 15.62 -6.18 -16.36
CA THR A 237 15.09 -5.48 -15.19
C THR A 237 14.76 -4.04 -15.56
N LYS A 238 13.95 -3.40 -14.73
CA LYS A 238 13.71 -1.97 -14.83
C LYS A 238 13.59 -1.43 -13.42
N TRP A 239 13.83 -0.14 -13.23
CA TRP A 239 13.58 0.49 -11.94
C TRP A 239 12.19 1.09 -11.93
N VAL A 240 11.57 1.10 -10.75
CA VAL A 240 10.21 1.61 -10.62
C VAL A 240 10.14 2.57 -9.44
N ILE A 241 9.64 3.78 -9.71
CA ILE A 241 9.24 4.70 -8.65
C ILE A 241 7.76 4.50 -8.37
N THR A 242 7.44 4.31 -7.10
CA THR A 242 6.06 4.39 -6.65
C THR A 242 5.93 5.66 -5.83
N SER A 243 4.80 6.34 -5.97
CA SER A 243 4.55 7.55 -5.19
C SER A 243 3.06 7.74 -5.06
N GLY A 244 2.65 8.24 -3.90
CA GLY A 244 1.25 8.52 -3.67
C GLY A 244 0.92 9.98 -3.93
N LEU A 245 -0.37 10.27 -4.05
CA LEU A 245 -0.81 11.65 -4.03
C LEU A 245 -2.15 11.74 -3.33
N ASN A 246 -2.38 12.89 -2.70
CA ASN A 246 -3.61 13.11 -1.95
C ASN A 246 -4.05 14.58 -2.02
N PRO A 247 -5.25 14.85 -2.56
CA PRO A 247 -6.16 13.93 -3.25
C PRO A 247 -5.66 13.70 -4.68
N GLY A 248 -6.55 13.47 -5.64
CA GLY A 248 -6.11 13.28 -7.03
C GLY A 248 -5.75 11.83 -7.35
N GLY A 249 -6.34 10.92 -6.59
CA GLY A 249 -6.23 9.47 -6.82
C GLY A 249 -6.83 9.01 -8.13
N PRO A 250 -6.88 7.68 -8.36
CA PRO A 250 -7.27 7.17 -9.68
C PRO A 250 -8.66 7.61 -10.17
N PRO A 251 -8.85 7.65 -11.50
CA PRO A 251 -10.15 8.00 -12.06
C PRO A 251 -11.30 7.23 -11.40
N GLY A 252 -12.38 7.93 -11.10
CA GLY A 252 -13.53 7.31 -10.43
C GLY A 252 -13.47 7.35 -8.93
N THR A 253 -12.33 7.75 -8.37
CA THR A 253 -12.20 7.90 -6.93
C THR A 253 -12.09 9.36 -6.52
N VAL A 254 -12.44 9.63 -5.27
CA VAL A 254 -12.21 10.93 -4.64
C VAL A 254 -11.27 10.71 -3.45
N GLY A 255 -10.09 11.31 -3.50
CA GLY A 255 -9.12 11.18 -2.41
C GLY A 255 -7.78 10.64 -2.85
N SER A 256 -7.16 9.86 -1.97
CA SER A 256 -5.77 9.45 -2.12
C SER A 256 -5.58 8.20 -2.99
N GLY A 257 -4.40 8.09 -3.59
CA GLY A 257 -4.04 6.88 -4.34
C GLY A 257 -2.58 6.84 -4.72
N THR A 258 -2.22 5.79 -5.44
CA THR A 258 -0.81 5.44 -5.68
C THR A 258 -0.52 5.29 -7.16
N GLN A 259 0.47 6.03 -7.65
CA GLN A 259 0.90 5.93 -9.03
C GLN A 259 2.31 5.37 -9.12
N TYR A 260 2.74 5.08 -10.35
CA TYR A 260 4.11 4.60 -10.56
C TYR A 260 4.72 5.04 -11.87
N PHE A 261 6.05 4.89 -11.95
CA PHE A 261 6.84 5.24 -13.14
C PHE A 261 7.88 4.15 -13.37
N VAL A 262 8.01 3.72 -14.62
CA VAL A 262 8.97 2.68 -15.01
C VAL A 262 10.14 3.35 -15.72
N GLY A 263 11.37 2.96 -15.37
CA GLY A 263 12.53 3.59 -15.99
C GLY A 263 13.84 2.96 -15.58
N GLU A 264 14.88 3.80 -15.50
CA GLU A 264 16.22 3.34 -15.16
C GLU A 264 16.85 4.24 -14.10
N PHE A 265 17.78 3.70 -13.35
CA PHE A 265 18.42 4.43 -12.27
C PHE A 265 19.90 4.08 -12.27
N ASP A 266 20.74 5.11 -12.29
CA ASP A 266 22.17 4.92 -12.44
C ASP A 266 22.93 5.22 -11.15
N GLY A 267 22.21 5.28 -10.04
CA GLY A 267 22.83 5.62 -8.76
C GLY A 267 22.61 7.06 -8.36
N THR A 268 22.33 7.92 -9.33
CA THR A 268 22.02 9.32 -9.00
C THR A 268 20.72 9.83 -9.63
N THR A 269 20.46 9.45 -10.88
CA THR A 269 19.29 9.95 -11.61
C THR A 269 18.35 8.81 -12.00
N PHE A 270 17.05 9.01 -11.74
CA PHE A 270 16.03 8.12 -12.30
C PHE A 270 15.53 8.73 -13.61
N THR A 271 15.72 8.01 -14.70
CA THR A 271 15.25 8.44 -16.03
C THR A 271 13.98 7.67 -16.37
N PRO A 272 12.84 8.37 -16.52
CA PRO A 272 11.63 7.63 -16.87
C PRO A 272 11.68 7.11 -18.30
N ASP A 273 11.15 5.91 -18.52
CA ASP A 273 11.00 5.39 -19.88
C ASP A 273 10.08 6.31 -20.68
N ALA A 274 10.32 6.40 -21.99
CA ALA A 274 9.52 7.30 -22.83
C ALA A 274 8.01 7.01 -22.77
N ASP A 275 7.67 5.74 -22.52
CA ASP A 275 6.27 5.34 -22.51
C ASP A 275 5.64 5.31 -21.13
N THR A 276 6.35 5.80 -20.11
CA THR A 276 5.79 5.82 -18.75
C THR A 276 5.23 7.19 -18.33
N VAL A 277 5.63 8.22 -19.07
CA VAL A 277 5.15 9.58 -18.83
C VAL A 277 4.28 10.03 -19.99
N TYR A 278 3.19 10.73 -19.68
CA TYR A 278 2.19 11.08 -20.68
C TYR A 278 2.01 12.58 -20.75
N PRO A 279 1.86 13.12 -21.97
CA PRO A 279 1.61 14.56 -22.11
C PRO A 279 0.47 15.02 -21.21
N GLY A 280 0.64 16.19 -20.60
CA GLY A 280 -0.35 16.74 -19.69
C GLY A 280 -0.04 16.38 -18.25
N ASN A 281 -1.04 16.46 -17.39
CA ASN A 281 -0.82 16.31 -15.96
C ASN A 281 -1.88 15.47 -15.25
N SER A 282 -2.58 14.63 -16.01
CA SER A 282 -3.66 13.84 -15.42
C SER A 282 -3.44 12.34 -15.57
N THR A 283 -3.23 11.89 -16.82
CA THR A 283 -3.05 10.47 -17.13
C THR A 283 -1.82 9.93 -16.39
N ALA A 284 -2.00 8.78 -15.74
CA ALA A 284 -0.93 8.21 -14.90
C ALA A 284 -0.95 6.69 -14.94
N ASN A 285 0.14 6.09 -14.46
CA ASN A 285 0.15 4.66 -14.19
C ASN A 285 -0.29 4.45 -12.76
N TRP A 286 -1.43 3.79 -12.59
CA TRP A 286 -1.99 3.58 -11.26
C TRP A 286 -1.58 2.23 -10.70
N MET A 287 -1.03 2.24 -9.50
CA MET A 287 -0.69 0.95 -8.86
C MET A 287 -1.95 0.19 -8.48
N ASP A 288 -3.00 0.93 -8.12
CA ASP A 288 -4.29 0.36 -7.76
C ASP A 288 -5.35 1.34 -8.22
N TRP A 289 -6.43 0.81 -8.81
CA TRP A 289 -7.51 1.61 -9.37
C TRP A 289 -8.67 1.83 -8.41
N GLY A 290 -8.55 1.28 -7.20
CA GLY A 290 -9.56 1.45 -6.16
C GLY A 290 -9.26 2.64 -5.26
N PRO A 291 -10.19 2.94 -4.34
CA PRO A 291 -10.07 4.07 -3.43
C PRO A 291 -9.17 3.86 -2.22
N ASP A 292 -8.88 2.61 -1.86
CA ASP A 292 -8.24 2.32 -0.57
C ASP A 292 -6.86 1.67 -0.69
N PHE A 293 -5.97 2.33 -1.42
CA PHE A 293 -4.59 1.84 -1.50
C PHE A 293 -3.60 2.99 -1.54
N TYR A 294 -3.07 3.34 -0.36
CA TYR A 294 -2.27 4.55 -0.25
C TYR A 294 -0.99 4.37 0.55
N ALA A 295 -0.06 5.32 0.40
CA ALA A 295 1.21 5.32 1.13
C ALA A 295 1.94 3.98 0.93
N ALA A 296 1.88 3.45 -0.28
CA ALA A 296 2.47 2.15 -0.59
C ALA A 296 3.98 2.25 -0.49
N ALA A 297 4.57 1.37 0.30
CA ALA A 297 6.00 1.41 0.59
C ALA A 297 6.63 0.05 0.35
N GLY A 298 7.90 0.06 -0.05
CA GLY A 298 8.61 -1.18 -0.37
C GLY A 298 9.48 -1.70 0.75
N TYR A 299 9.63 -3.03 0.79
CA TYR A 299 10.55 -3.69 1.71
C TYR A 299 12.00 -3.54 1.29
N ASN A 300 12.82 -3.13 2.25
CA ASN A 300 14.28 -3.33 2.15
C ASN A 300 14.63 -4.75 2.58
N GLY A 301 15.77 -5.25 2.08
CA GLY A 301 16.28 -6.56 2.50
C GLY A 301 15.80 -7.74 1.70
N LEU A 302 15.10 -7.46 0.60
CA LEU A 302 14.59 -8.52 -0.28
C LEU A 302 15.33 -8.55 -1.61
N SER A 303 15.40 -9.74 -2.21
CA SER A 303 16.10 -9.93 -3.47
C SER A 303 15.20 -9.64 -4.68
N LEU A 304 15.83 -9.63 -5.86
CA LEU A 304 15.19 -9.18 -7.09
C LEU A 304 13.80 -9.77 -7.33
N ASN A 305 13.66 -11.08 -7.14
CA ASN A 305 12.43 -11.79 -7.45
C ASN A 305 11.47 -11.91 -6.25
N ASP A 306 11.82 -11.21 -5.17
CA ASP A 306 11.09 -11.35 -3.89
C ASP A 306 10.52 -10.04 -3.35
N HIS A 307 10.55 -8.99 -4.17
CA HIS A 307 10.13 -7.67 -3.69
C HIS A 307 8.66 -7.60 -3.28
N VAL A 308 8.40 -6.85 -2.21
CA VAL A 308 7.06 -6.71 -1.65
C VAL A 308 6.82 -5.26 -1.23
N HIS A 309 5.65 -4.73 -1.62
CA HIS A 309 5.16 -3.45 -1.13
C HIS A 309 3.97 -3.69 -0.19
N ILE A 310 3.82 -2.81 0.80
CA ILE A 310 2.63 -2.81 1.63
C ILE A 310 1.97 -1.46 1.47
N GLY A 311 0.65 -1.46 1.32
CA GLY A 311 -0.13 -0.22 1.26
C GLY A 311 -1.07 -0.08 2.44
N TRP A 312 -1.41 1.18 2.74
CA TRP A 312 -2.43 1.52 3.74
C TRP A 312 -3.78 1.36 3.07
N MET A 313 -4.62 0.50 3.63
CA MET A 313 -5.92 0.19 3.04
C MET A 313 -7.00 1.14 3.57
N ASN A 314 -6.82 2.41 3.22
CA ASN A 314 -7.77 3.45 3.63
C ASN A 314 -7.59 4.63 2.68
N ASN A 315 -8.38 5.68 2.86
CA ASN A 315 -8.38 6.85 1.98
C ASN A 315 -8.51 8.09 2.84
N TRP A 316 -7.70 9.11 2.58
CA TRP A 316 -7.76 10.32 3.41
C TRP A 316 -9.09 11.07 3.33
N GLN A 317 -9.86 10.84 2.28
CA GLN A 317 -11.16 11.51 2.14
C GLN A 317 -12.08 11.20 3.31
N TYR A 318 -12.12 9.93 3.70
CA TYR A 318 -13.08 9.46 4.71
C TYR A 318 -12.46 8.60 5.80
N GLY A 319 -11.14 8.40 5.73
CA GLY A 319 -10.44 7.48 6.62
C GLY A 319 -10.65 7.69 8.11
N ALA A 320 -10.77 8.96 8.50
CA ALA A 320 -10.98 9.33 9.90
C ALA A 320 -12.34 8.88 10.42
N ASN A 321 -13.25 8.56 9.50
CA ASN A 321 -14.64 8.29 9.87
C ASN A 321 -15.18 6.90 9.58
N ILE A 322 -14.29 5.97 9.21
CA ILE A 322 -14.72 4.58 9.03
C ILE A 322 -15.20 4.04 10.40
N PRO A 323 -16.27 3.23 10.39
CA PRO A 323 -16.94 2.82 11.64
C PRO A 323 -16.29 1.64 12.36
N THR A 324 -15.00 1.78 12.67
CA THR A 324 -14.24 0.72 13.32
C THR A 324 -13.95 1.06 14.79
N TYR A 325 -13.88 0.03 15.63
CA TYR A 325 -13.57 0.19 17.05
C TYR A 325 -13.02 -1.13 17.59
N PRO A 326 -11.95 -1.10 18.42
CA PRO A 326 -11.21 0.03 19.00
C PRO A 326 -10.00 0.53 18.21
N TRP A 327 -9.78 -0.05 17.02
CA TRP A 327 -8.72 0.38 16.10
C TRP A 327 -9.30 1.20 14.96
N ARG A 328 -8.44 1.83 14.16
CA ARG A 328 -8.88 2.44 12.91
C ARG A 328 -7.81 2.34 11.82
N SER A 329 -8.16 1.62 10.75
CA SER A 329 -7.31 1.37 9.57
C SER A 329 -6.61 0.04 9.64
N ALA A 330 -6.41 -0.54 8.45
CA ALA A 330 -5.65 -1.77 8.26
C ALA A 330 -4.74 -1.59 7.05
N MET A 331 -3.70 -2.43 6.97
CA MET A 331 -2.90 -2.51 5.74
C MET A 331 -3.58 -3.43 4.74
N ALA A 332 -3.29 -3.24 3.45
CA ALA A 332 -3.82 -4.12 2.41
C ALA A 332 -3.05 -5.44 2.42
N ILE A 333 -3.47 -6.40 1.59
CA ILE A 333 -2.67 -7.61 1.40
C ILE A 333 -1.29 -7.22 0.86
N PRO A 334 -0.20 -7.73 1.46
CA PRO A 334 1.12 -7.40 0.90
C PRO A 334 1.20 -7.78 -0.58
N ARG A 335 1.86 -6.94 -1.37
CA ARG A 335 1.88 -7.07 -2.81
C ARG A 335 3.27 -7.45 -3.32
N HIS A 336 3.38 -8.67 -3.85
CA HIS A 336 4.59 -9.04 -4.55
C HIS A 336 4.71 -8.17 -5.79
N MET A 337 5.92 -7.68 -6.07
CA MET A 337 6.15 -6.70 -7.13
C MET A 337 6.98 -7.26 -8.27
N ALA A 338 6.46 -7.15 -9.50
CA ALA A 338 7.23 -7.50 -10.69
C ALA A 338 6.73 -6.75 -11.91
N LEU A 339 7.42 -6.90 -13.03
CA LEU A 339 6.99 -6.29 -14.29
C LEU A 339 6.79 -7.36 -15.36
N LYS A 340 5.73 -7.18 -16.17
CA LYS A 340 5.49 -8.04 -17.33
C LYS A 340 5.20 -7.17 -18.52
N THR A 341 5.65 -7.61 -19.70
CA THR A 341 5.30 -6.91 -20.93
C THR A 341 3.88 -7.33 -21.31
N ILE A 342 2.97 -6.36 -21.28
CA ILE A 342 1.57 -6.60 -21.61
C ILE A 342 1.14 -5.54 -22.60
N GLY A 343 0.63 -5.97 -23.75
CA GLY A 343 0.30 -5.04 -24.85
C GLY A 343 1.49 -4.18 -25.23
N SER A 344 2.66 -4.83 -25.33
CA SER A 344 3.93 -4.20 -25.72
C SER A 344 4.44 -3.15 -24.73
N LYS A 345 3.97 -3.23 -23.49
CA LYS A 345 4.26 -2.22 -22.47
C LYS A 345 4.72 -2.89 -21.16
N ALA A 346 5.87 -2.49 -20.63
CA ALA A 346 6.31 -2.94 -19.30
C ALA A 346 5.30 -2.47 -18.26
N THR A 347 4.69 -3.44 -17.57
CA THR A 347 3.53 -3.16 -16.71
C THR A 347 3.74 -3.77 -15.32
N LEU A 348 3.42 -2.99 -14.29
CA LEU A 348 3.51 -3.54 -12.93
C LEU A 348 2.48 -4.63 -12.74
N VAL A 349 2.96 -5.78 -12.28
CA VAL A 349 2.07 -6.90 -11.93
C VAL A 349 2.26 -7.24 -10.45
N GLN A 350 1.15 -7.34 -9.72
CA GLN A 350 1.19 -7.66 -8.30
C GLN A 350 0.60 -9.04 -8.03
N GLN A 351 1.15 -9.72 -7.03
CA GLN A 351 0.58 -10.96 -6.53
C GLN A 351 0.27 -10.81 -5.06
N PRO A 352 -0.82 -11.44 -4.59
CA PRO A 352 -1.17 -11.35 -3.17
C PRO A 352 -0.21 -12.19 -2.35
N GLN A 353 0.63 -11.51 -1.56
CA GLN A 353 1.73 -12.14 -0.86
C GLN A 353 1.40 -12.43 0.61
N GLU A 354 0.72 -13.55 0.84
CA GLU A 354 0.58 -14.13 2.18
C GLU A 354 0.78 -15.65 2.07
N ALA A 355 0.95 -16.30 3.22
CA ALA A 355 1.12 -17.74 3.29
C ALA A 355 -0.26 -18.41 3.20
N TRP A 356 -0.82 -18.37 1.99
CA TRP A 356 -2.21 -18.79 1.78
C TRP A 356 -2.46 -20.22 2.19
N SER A 357 -1.50 -21.11 1.93
CA SER A 357 -1.69 -22.52 2.25
C SER A 357 -1.82 -22.76 3.76
N SER A 358 -1.32 -21.83 4.57
CA SER A 358 -1.44 -21.96 6.03
C SER A 358 -2.80 -21.54 6.59
N ILE A 359 -3.60 -20.84 5.79
CA ILE A 359 -4.87 -20.28 6.26
C ILE A 359 -6.08 -20.56 5.35
N SER A 360 -5.85 -21.16 4.19
CA SER A 360 -6.93 -21.41 3.24
C SER A 360 -7.35 -22.87 3.30
N ASN A 361 -8.66 -23.10 3.36
CA ASN A 361 -9.20 -24.46 3.18
C ASN A 361 -8.85 -24.95 1.79
N LYS A 362 -8.53 -26.24 1.68
CA LYS A 362 -8.12 -26.81 0.40
C LYS A 362 -9.31 -27.16 -0.49
N ARG A 363 -10.43 -27.49 0.16
CA ARG A 363 -11.67 -27.79 -0.56
C ARG A 363 -12.50 -26.52 -0.69
N PRO A 364 -12.83 -26.13 -1.93
CA PRO A 364 -13.69 -24.96 -2.11
C PRO A 364 -15.09 -25.21 -1.53
N ILE A 365 -15.68 -24.16 -0.97
CA ILE A 365 -17.06 -24.24 -0.48
C ILE A 365 -18.04 -24.14 -1.65
N TYR A 366 -17.54 -23.61 -2.78
CA TYR A 366 -18.32 -23.48 -4.00
C TYR A 366 -17.39 -23.69 -5.19
N SER A 367 -17.82 -24.50 -6.16
CA SER A 367 -17.01 -24.77 -7.36
C SER A 367 -17.91 -25.19 -8.51
N ARG A 368 -18.04 -24.32 -9.50
CA ARG A 368 -18.89 -24.62 -10.65
C ARG A 368 -18.25 -24.17 -11.94
N THR A 369 -18.60 -24.86 -13.02
CA THR A 369 -18.24 -24.44 -14.38
C THR A 369 -19.51 -24.41 -15.24
N PHE A 370 -19.55 -23.46 -16.17
CA PHE A 370 -20.69 -23.29 -17.08
C PHE A 370 -20.19 -23.06 -18.50
N LYS A 371 -20.54 -23.96 -19.43
CA LYS A 371 -20.25 -23.71 -20.85
C LYS A 371 -20.93 -22.40 -21.24
N THR A 372 -22.20 -22.27 -20.88
CA THR A 372 -22.94 -21.05 -21.07
C THR A 372 -23.75 -20.76 -19.82
N LEU A 373 -23.41 -19.66 -19.13
CA LEU A 373 -24.17 -19.24 -17.96
C LEU A 373 -25.34 -18.37 -18.40
N SER A 374 -26.55 -18.76 -18.00
CA SER A 374 -27.76 -18.05 -18.42
C SER A 374 -27.76 -16.62 -17.91
N GLU A 375 -28.47 -15.75 -18.63
CA GLU A 375 -28.72 -14.40 -18.16
C GLU A 375 -29.53 -14.47 -16.87
N GLY A 376 -29.12 -13.70 -15.86
CA GLY A 376 -29.79 -13.71 -14.56
C GLY A 376 -28.83 -13.96 -13.42
N SER A 377 -29.37 -14.25 -12.23
CA SER A 377 -28.53 -14.49 -11.06
C SER A 377 -28.72 -15.92 -10.54
N THR A 378 -27.62 -16.55 -10.16
CA THR A 378 -27.64 -17.96 -9.75
C THR A 378 -28.17 -18.14 -8.33
N ASN A 379 -28.31 -19.40 -7.91
CA ASN A 379 -28.68 -19.74 -6.55
C ASN A 379 -27.67 -19.19 -5.55
N THR A 380 -28.16 -18.86 -4.36
CA THR A 380 -27.35 -18.23 -3.32
C THR A 380 -26.49 -19.26 -2.61
N THR A 381 -25.27 -18.86 -2.26
CA THR A 381 -24.44 -19.63 -1.38
C THR A 381 -23.97 -18.76 -0.21
N THR A 382 -23.57 -19.39 0.88
CA THR A 382 -23.10 -18.71 2.08
C THR A 382 -21.57 -18.85 2.17
N THR A 383 -20.89 -17.73 2.35
CA THR A 383 -19.43 -17.69 2.26
C THR A 383 -18.72 -17.38 3.57
N GLY A 384 -19.45 -16.85 4.55
CA GLY A 384 -18.81 -16.21 5.70
C GLY A 384 -18.15 -14.90 5.26
N GLU A 385 -17.33 -14.34 6.14
CA GLU A 385 -16.76 -13.00 5.92
C GLU A 385 -15.38 -13.00 5.28
N THR A 386 -14.69 -14.13 5.32
CA THR A 386 -13.29 -14.20 4.91
C THR A 386 -13.09 -15.32 3.90
N PHE A 387 -12.80 -14.94 2.65
CA PHE A 387 -12.74 -15.92 1.57
C PHE A 387 -12.07 -15.35 0.33
N LYS A 388 -11.69 -16.25 -0.57
CA LYS A 388 -11.13 -15.90 -1.87
C LYS A 388 -12.04 -16.46 -2.97
N VAL A 389 -12.27 -15.65 -4.01
CA VAL A 389 -13.03 -16.08 -5.19
C VAL A 389 -12.09 -16.11 -6.40
N ASP A 390 -12.11 -17.21 -7.13
CA ASP A 390 -11.45 -17.26 -8.44
C ASP A 390 -12.52 -17.31 -9.53
N LEU A 391 -12.46 -16.38 -10.46
CA LEU A 391 -13.36 -16.34 -11.60
C LEU A 391 -12.58 -16.32 -12.90
N SER A 392 -13.03 -17.10 -13.87
CA SER A 392 -12.53 -16.95 -15.23
C SER A 392 -13.70 -17.12 -16.20
N PHE A 393 -13.61 -16.45 -17.33
CA PHE A 393 -14.74 -16.41 -18.28
C PHE A 393 -14.31 -15.77 -19.60
N SER A 394 -15.10 -16.00 -20.64
CA SER A 394 -14.76 -15.54 -21.98
C SER A 394 -15.05 -14.06 -22.19
N ALA A 395 -14.08 -13.34 -22.76
CA ALA A 395 -14.25 -11.92 -23.10
C ALA A 395 -15.25 -11.71 -24.24
N LYS A 396 -15.58 -12.79 -24.95
CA LYS A 396 -16.49 -12.75 -26.10
C LYS A 396 -17.96 -12.89 -25.71
N SER A 397 -18.23 -12.96 -24.40
CA SER A 397 -19.58 -13.08 -23.87
C SER A 397 -20.51 -11.97 -24.33
N LYS A 398 -21.78 -12.30 -24.51
CA LYS A 398 -22.80 -11.35 -24.98
C LYS A 398 -23.41 -10.49 -23.87
N ALA A 399 -23.23 -10.91 -22.61
CA ALA A 399 -23.69 -10.13 -21.45
C ALA A 399 -23.07 -8.73 -21.47
N SER A 400 -23.77 -7.75 -20.89
CA SER A 400 -23.16 -6.45 -20.70
C SER A 400 -22.12 -6.50 -19.57
N THR A 401 -22.48 -7.18 -18.48
CA THR A 401 -21.53 -7.44 -17.38
C THR A 401 -21.69 -8.86 -16.83
N PHE A 402 -20.59 -9.42 -16.34
CA PHE A 402 -20.61 -10.62 -15.52
C PHE A 402 -19.99 -10.27 -14.17
N ALA A 403 -20.61 -10.70 -13.07
CA ALA A 403 -20.12 -10.30 -11.76
C ALA A 403 -20.46 -11.34 -10.70
N ILE A 404 -19.75 -11.27 -9.58
CA ILE A 404 -20.20 -11.93 -8.38
C ILE A 404 -20.76 -10.88 -7.43
N ALA A 405 -21.94 -11.17 -6.88
CA ALA A 405 -22.52 -10.34 -5.83
C ALA A 405 -22.10 -11.00 -4.54
N LEU A 406 -21.38 -10.26 -3.71
CA LEU A 406 -20.87 -10.86 -2.49
C LEU A 406 -21.06 -9.96 -1.28
N ARG A 407 -20.71 -10.50 -0.11
CA ARG A 407 -21.09 -9.91 1.17
C ARG A 407 -22.49 -9.30 1.11
N ALA A 408 -23.45 -10.15 0.74
CA ALA A 408 -24.80 -9.72 0.46
C ALA A 408 -25.77 -10.22 1.53
N SER A 409 -26.78 -9.40 1.82
CA SER A 409 -27.92 -9.89 2.59
C SER A 409 -28.67 -10.92 1.74
N ALA A 410 -29.54 -11.70 2.38
CA ALA A 410 -30.26 -12.78 1.70
C ALA A 410 -31.08 -12.32 0.49
N ASN A 411 -31.58 -11.09 0.53
CA ASN A 411 -32.37 -10.54 -0.59
C ASN A 411 -31.54 -9.63 -1.52
N PHE A 412 -30.24 -9.55 -1.24
CA PHE A 412 -29.28 -8.83 -2.09
C PHE A 412 -29.54 -7.33 -2.25
N THR A 413 -30.34 -6.74 -1.36
CA THR A 413 -30.49 -5.28 -1.36
C THR A 413 -29.25 -4.65 -0.72
N GLU A 414 -28.53 -5.46 0.05
CA GLU A 414 -27.17 -5.12 0.50
C GLU A 414 -26.25 -6.10 -0.21
N GLN A 415 -25.23 -5.58 -0.89
CA GLN A 415 -24.30 -6.41 -1.65
C GLN A 415 -23.16 -5.55 -2.15
N THR A 416 -22.05 -6.21 -2.49
CA THR A 416 -20.95 -5.57 -3.22
C THR A 416 -20.75 -6.38 -4.51
N LEU A 417 -20.80 -5.69 -5.65
CA LEU A 417 -20.61 -6.35 -6.94
C LEU A 417 -19.17 -6.23 -7.39
N VAL A 418 -18.58 -7.34 -7.80
CA VAL A 418 -17.24 -7.33 -8.37
C VAL A 418 -17.33 -8.08 -9.70
N GLY A 419 -16.99 -7.41 -10.79
CA GLY A 419 -17.14 -8.05 -12.09
C GLY A 419 -16.41 -7.37 -13.22
N TYR A 420 -16.91 -7.62 -14.43
CA TYR A 420 -16.26 -7.18 -15.65
C TYR A 420 -17.30 -6.64 -16.61
N ASP A 421 -16.97 -5.49 -17.21
CA ASP A 421 -17.80 -4.84 -18.21
C ASP A 421 -17.18 -5.21 -19.55
N PHE A 422 -17.91 -6.00 -20.35
CA PHE A 422 -17.34 -6.57 -21.56
C PHE A 422 -17.03 -5.55 -22.65
N ALA A 423 -17.93 -4.58 -22.85
CA ALA A 423 -17.73 -3.55 -23.87
C ALA A 423 -16.58 -2.61 -23.50
N LYS A 424 -16.47 -2.28 -22.22
CA LYS A 424 -15.46 -1.32 -21.76
C LYS A 424 -14.13 -2.00 -21.42
N GLN A 425 -14.15 -3.33 -21.34
CA GLN A 425 -13.00 -4.13 -20.91
C GLN A 425 -12.42 -3.57 -19.61
N GLN A 426 -13.30 -3.48 -18.61
CA GLN A 426 -12.94 -2.96 -17.30
C GLN A 426 -13.43 -3.86 -16.19
N ILE A 427 -12.60 -4.03 -15.16
CA ILE A 427 -13.08 -4.54 -13.88
C ILE A 427 -13.91 -3.44 -13.23
N PHE A 428 -14.97 -3.82 -12.53
CA PHE A 428 -15.69 -2.86 -11.71
C PHE A 428 -15.94 -3.42 -10.31
N LEU A 429 -16.02 -2.52 -9.36
CA LEU A 429 -16.37 -2.85 -7.98
C LEU A 429 -17.42 -1.83 -7.54
N ASP A 430 -18.63 -2.32 -7.30
CA ASP A 430 -19.75 -1.46 -6.94
C ASP A 430 -20.06 -1.66 -5.47
N ARG A 431 -19.69 -0.67 -4.65
CA ARG A 431 -19.96 -0.72 -3.21
C ARG A 431 -21.06 0.27 -2.79
N THR A 432 -21.89 0.68 -3.74
CA THR A 432 -22.96 1.66 -3.48
C THR A 432 -23.95 1.19 -2.40
N HIS A 433 -24.19 -0.12 -2.35
CA HIS A 433 -25.13 -0.68 -1.36
C HIS A 433 -24.43 -1.76 -0.50
N SER A 434 -23.18 -1.48 -0.15
CA SER A 434 -22.29 -2.48 0.45
C SER A 434 -22.50 -2.66 1.95
N GLY A 435 -23.30 -1.79 2.55
CA GLY A 435 -23.50 -1.81 4.00
C GLY A 435 -23.57 -0.40 4.56
N ASP A 436 -22.77 -0.13 5.60
CA ASP A 436 -22.68 1.22 6.12
C ASP A 436 -21.90 2.08 5.14
N VAL A 437 -22.60 3.04 4.53
CA VAL A 437 -22.00 4.00 3.59
C VAL A 437 -22.35 5.43 4.04
N SER A 438 -22.78 5.55 5.30
CA SER A 438 -23.37 6.77 5.83
C SER A 438 -22.38 7.88 6.18
N PHE A 439 -21.10 7.52 6.33
CA PHE A 439 -20.11 8.40 6.96
C PHE A 439 -19.41 9.38 6.00
N ASP A 440 -19.63 9.18 4.70
CA ASP A 440 -19.07 10.06 3.67
C ASP A 440 -19.82 9.84 2.37
N GLU A 441 -20.27 10.95 1.76
CA GLU A 441 -21.09 10.89 0.57
C GLU A 441 -20.39 10.29 -0.66
N THR A 442 -19.06 10.26 -0.64
CA THR A 442 -18.31 9.76 -1.80
C THR A 442 -18.03 8.25 -1.70
N PHE A 443 -18.28 7.68 -0.52
CA PHE A 443 -17.98 6.27 -0.26
C PHE A 443 -18.84 5.32 -1.10
N ALA A 444 -20.13 5.64 -1.26
CA ALA A 444 -21.05 4.81 -2.03
C ALA A 444 -20.85 5.03 -3.52
N SER A 445 -19.87 4.33 -4.08
CA SER A 445 -19.44 4.55 -5.47
C SER A 445 -19.13 3.24 -6.18
N VAL A 446 -19.02 3.35 -7.50
CA VAL A 446 -18.56 2.23 -8.34
C VAL A 446 -17.18 2.60 -8.88
N TYR A 447 -16.25 1.66 -8.77
CA TYR A 447 -14.86 1.87 -9.19
C TYR A 447 -14.53 1.02 -10.41
N HIS A 448 -13.54 1.43 -11.19
CA HIS A 448 -13.21 0.75 -12.44
C HIS A 448 -11.72 0.68 -12.66
N GLY A 449 -11.27 -0.42 -13.25
CA GLY A 449 -9.89 -0.53 -13.71
C GLY A 449 -9.85 -1.21 -15.05
N PRO A 450 -8.91 -0.82 -15.92
CA PRO A 450 -8.82 -1.43 -17.23
C PRO A 450 -8.23 -2.82 -17.15
N LEU A 451 -8.78 -3.75 -17.92
CA LEU A 451 -8.21 -5.09 -18.00
C LEU A 451 -8.50 -5.68 -19.36
N THR A 452 -7.48 -5.66 -20.23
CA THR A 452 -7.54 -6.30 -21.54
C THR A 452 -7.47 -7.81 -21.31
N PRO A 453 -8.34 -8.58 -22.00
CA PRO A 453 -8.29 -10.05 -21.95
C PRO A 453 -6.92 -10.60 -22.33
N ASP A 454 -6.62 -11.83 -21.92
CA ASP A 454 -5.35 -12.47 -22.31
C ASP A 454 -5.39 -12.93 -23.78
N SER A 455 -4.31 -13.54 -24.24
CA SER A 455 -4.19 -13.94 -25.65
C SER A 455 -5.20 -15.02 -26.05
N THR A 456 -5.69 -15.78 -25.06
CA THR A 456 -6.68 -16.82 -25.30
C THR A 456 -8.12 -16.31 -25.17
N GLY A 457 -8.28 -15.03 -24.85
CA GLY A 457 -9.59 -14.39 -24.73
C GLY A 457 -10.27 -14.63 -23.39
N VAL A 458 -9.51 -15.10 -22.42
CA VAL A 458 -10.02 -15.41 -21.09
C VAL A 458 -9.75 -14.23 -20.17
N VAL A 459 -10.76 -13.86 -19.39
CA VAL A 459 -10.62 -12.85 -18.36
C VAL A 459 -10.57 -13.58 -17.02
N LYS A 460 -9.56 -13.23 -16.21
CA LYS A 460 -9.38 -13.87 -14.92
C LYS A 460 -9.42 -12.84 -13.79
N LEU A 461 -10.16 -13.15 -12.74
CA LEU A 461 -10.18 -12.31 -11.53
C LEU A 461 -9.93 -13.18 -10.31
N SER A 462 -9.09 -12.71 -9.39
CA SER A 462 -8.97 -13.30 -8.07
C SER A 462 -9.39 -12.26 -7.06
N ILE A 463 -10.35 -12.60 -6.20
CA ILE A 463 -10.97 -11.61 -5.31
C ILE A 463 -10.81 -12.06 -3.87
N PHE A 464 -10.19 -11.21 -3.05
CA PHE A 464 -9.99 -11.51 -1.63
C PHE A 464 -10.92 -10.67 -0.80
N VAL A 465 -11.78 -11.33 -0.03
CA VAL A 465 -12.72 -10.64 0.86
C VAL A 465 -12.34 -10.90 2.31
N ASP A 466 -12.28 -9.83 3.10
CA ASP A 466 -12.05 -9.90 4.54
C ASP A 466 -13.16 -9.07 5.20
N ARG A 467 -13.16 -9.01 6.53
CA ARG A 467 -14.33 -8.45 7.23
C ARG A 467 -14.75 -7.09 6.72
N SER A 468 -13.79 -6.23 6.39
CA SER A 468 -14.16 -4.93 5.84
C SER A 468 -13.40 -4.55 4.57
N SER A 469 -13.15 -5.54 3.70
CA SER A 469 -12.37 -5.24 2.51
C SER A 469 -12.57 -6.19 1.36
N VAL A 470 -12.36 -5.67 0.16
CA VAL A 470 -12.37 -6.45 -1.05
C VAL A 470 -11.14 -6.04 -1.87
N GLU A 471 -10.36 -7.02 -2.31
CA GLU A 471 -9.21 -6.74 -3.19
C GLU A 471 -9.30 -7.61 -4.43
N VAL A 472 -9.25 -6.98 -5.61
CA VAL A 472 -9.36 -7.69 -6.88
C VAL A 472 -8.01 -7.67 -7.58
N PHE A 473 -7.55 -8.86 -7.97
CA PHE A 473 -6.36 -9.01 -8.79
C PHE A 473 -6.82 -9.50 -10.15
N GLY A 474 -6.69 -8.64 -11.16
CA GLY A 474 -7.13 -8.97 -12.52
C GLY A 474 -6.00 -9.52 -13.37
N GLY A 475 -6.31 -10.51 -14.21
CA GLY A 475 -5.31 -11.09 -15.11
C GLY A 475 -4.20 -11.79 -14.37
N GLN A 476 -2.96 -11.40 -14.69
CA GLN A 476 -1.76 -11.90 -14.01
C GLN A 476 -1.47 -11.03 -12.80
N GLY A 477 -2.30 -10.01 -12.58
CA GLY A 477 -2.06 -9.04 -11.50
C GLY A 477 -1.74 -7.65 -12.01
N GLU A 478 -1.92 -7.42 -13.32
CA GLU A 478 -1.62 -6.10 -13.92
C GLU A 478 -2.60 -5.01 -13.50
N THR A 479 -3.78 -5.40 -13.03
CA THR A 479 -4.75 -4.43 -12.57
C THR A 479 -5.29 -4.88 -11.23
N THR A 480 -5.07 -4.08 -10.19
CA THR A 480 -5.66 -4.35 -8.89
C THR A 480 -6.63 -3.25 -8.51
N LEU A 481 -7.65 -3.60 -7.72
CA LEU A 481 -8.63 -2.65 -7.23
C LEU A 481 -8.93 -3.01 -5.78
N THR A 482 -8.65 -2.07 -4.88
CA THR A 482 -8.77 -2.28 -3.44
C THR A 482 -9.81 -1.34 -2.86
N ALA A 483 -10.80 -1.91 -2.16
CA ALA A 483 -11.89 -1.13 -1.60
C ALA A 483 -12.40 -1.70 -0.29
N GLN A 484 -12.49 -0.85 0.73
CA GLN A 484 -13.15 -1.22 1.99
C GLN A 484 -14.66 -1.31 1.81
N ILE A 485 -15.30 -2.13 2.64
CA ILE A 485 -16.74 -2.23 2.72
C ILE A 485 -17.10 -2.50 4.18
N PHE A 486 -18.30 -2.13 4.59
CA PHE A 486 -18.73 -2.28 5.99
C PHE A 486 -20.09 -2.97 6.06
N PRO A 487 -20.12 -4.26 5.74
CA PRO A 487 -21.37 -5.00 5.63
C PRO A 487 -21.91 -5.44 6.99
N SER A 488 -23.23 -5.63 7.06
CA SER A 488 -23.87 -6.09 8.29
C SER A 488 -23.58 -7.57 8.58
N SER A 489 -23.93 -8.02 9.78
CA SER A 489 -23.58 -9.37 10.24
C SER A 489 -24.16 -10.47 9.34
N ASP A 490 -25.31 -10.19 8.76
CA ASP A 490 -26.02 -11.13 7.90
C ASP A 490 -25.51 -11.13 6.46
N ALA A 491 -24.56 -10.24 6.17
CA ALA A 491 -24.11 -10.03 4.79
C ALA A 491 -23.04 -11.03 4.40
N VAL A 492 -23.43 -12.30 4.33
CA VAL A 492 -22.50 -13.39 4.10
C VAL A 492 -22.95 -14.28 2.93
N HIS A 493 -23.83 -13.74 2.09
CA HIS A 493 -24.35 -14.46 0.92
C HIS A 493 -23.66 -14.03 -0.37
N ALA A 494 -23.69 -14.91 -1.36
CA ALA A 494 -23.10 -14.61 -2.67
C ALA A 494 -23.87 -15.33 -3.77
N ARG A 495 -23.81 -14.76 -4.97
CA ARG A 495 -24.29 -15.43 -6.18
C ARG A 495 -23.64 -14.79 -7.40
N LEU A 496 -23.75 -15.46 -8.55
CA LEU A 496 -23.22 -14.93 -9.80
C LEU A 496 -24.33 -14.21 -10.56
N ALA A 497 -23.95 -13.17 -11.31
CA ALA A 497 -24.92 -12.38 -12.06
C ALA A 497 -24.43 -12.14 -13.47
N SER A 498 -25.22 -12.58 -14.46
CA SER A 498 -24.90 -12.36 -15.87
C SER A 498 -25.98 -11.43 -16.40
N THR A 499 -25.61 -10.18 -16.63
CA THR A 499 -26.58 -9.11 -16.88
C THR A 499 -26.62 -8.78 -18.36
N GLY A 500 -27.82 -8.80 -18.95
CA GLY A 500 -28.01 -8.36 -20.33
C GLY A 500 -27.73 -9.43 -21.38
N GLY A 501 -27.28 -10.59 -20.94
CA GLY A 501 -27.07 -11.72 -21.84
C GLY A 501 -26.37 -12.83 -21.08
N THR A 502 -25.90 -13.84 -21.82
CA THR A 502 -25.21 -14.97 -21.23
C THR A 502 -23.73 -14.68 -21.08
N THR A 503 -23.07 -15.44 -20.21
CA THR A 503 -21.61 -15.40 -20.09
C THR A 503 -21.04 -16.77 -20.43
N GLU A 504 -20.02 -16.79 -21.28
CA GLU A 504 -19.48 -18.05 -21.79
C GLU A 504 -18.28 -18.53 -20.98
N ASP A 505 -18.11 -19.85 -20.89
CA ASP A 505 -16.88 -20.46 -20.37
C ASP A 505 -16.59 -19.98 -18.95
N VAL A 506 -17.61 -20.01 -18.11
CA VAL A 506 -17.47 -19.55 -16.72
C VAL A 506 -16.88 -20.63 -15.81
N ARG A 507 -15.87 -20.24 -15.03
CA ARG A 507 -15.33 -21.09 -13.97
C ARG A 507 -15.31 -20.26 -12.69
N ALA A 508 -15.91 -20.78 -11.62
CA ALA A 508 -15.99 -20.05 -10.36
C ALA A 508 -15.72 -20.95 -9.17
N ASP A 509 -14.83 -20.51 -8.30
CA ASP A 509 -14.46 -21.27 -7.10
C ASP A 509 -14.36 -20.30 -5.92
N ILE A 510 -14.82 -20.74 -4.75
CA ILE A 510 -14.70 -19.93 -3.52
C ILE A 510 -14.05 -20.77 -2.44
N TYR A 511 -13.01 -20.22 -1.79
CA TYR A 511 -12.29 -20.89 -0.71
C TYR A 511 -12.37 -20.06 0.55
N LYS A 512 -12.68 -20.71 1.67
CA LYS A 512 -12.69 -20.04 2.96
C LYS A 512 -11.27 -19.79 3.44
N ILE A 513 -11.08 -18.67 4.13
CA ILE A 513 -9.80 -18.29 4.71
C ILE A 513 -9.98 -18.17 6.22
N ALA A 514 -9.05 -18.76 6.97
CA ALA A 514 -9.06 -18.72 8.42
C ALA A 514 -8.36 -17.48 8.92
N SER A 515 -8.61 -17.14 10.18
CA SER A 515 -7.96 -16.01 10.82
C SER A 515 -6.46 -16.22 10.98
N THR A 516 -5.71 -15.12 10.91
CA THR A 516 -4.27 -15.15 11.15
C THR A 516 -3.92 -14.69 12.56
N TRP A 517 -4.94 -14.30 13.32
CA TRP A 517 -4.75 -13.79 14.67
C TRP A 517 -4.85 -14.88 15.74
C1 NAG B . -2.81 12.34 21.98
C2 NAG B . -4.29 12.37 21.61
C3 NAG B . -5.13 12.92 22.79
C4 NAG B . -4.84 12.22 24.12
C5 NAG B . -3.33 12.10 24.31
C6 NAG B . -2.94 11.22 25.49
C7 NAG B . -5.31 12.73 19.41
C8 NAG B . -5.54 13.68 18.27
N2 NAG B . -4.54 13.15 20.41
O3 NAG B . -6.51 12.82 22.46
O4 NAG B . -5.35 12.99 25.20
O5 NAG B . -2.70 11.56 23.16
O6 NAG B . -1.57 11.40 25.76
O7 NAG B . -5.85 11.62 19.37
C1 NAG B . -6.58 12.59 25.85
C2 NAG B . -6.47 12.76 27.38
C3 NAG B . -7.43 11.85 28.13
C4 NAG B . -8.72 11.64 27.34
C5 NAG B . -8.40 10.97 26.00
C6 NAG B . -9.47 11.31 24.96
C7 NAG B . -4.19 13.45 28.03
C8 NAG B . -3.00 13.06 28.87
N2 NAG B . -5.12 12.50 27.87
O3 NAG B . -7.72 12.42 29.39
O4 NAG B . -9.61 10.84 28.09
O5 NAG B . -7.10 11.30 25.52
O6 NAG B . -9.73 10.16 24.19
O7 NAG B . -4.25 14.57 27.54
C1 NAG C . 29.02 -4.60 3.01
C2 NAG C . 28.29 -3.91 1.85
C3 NAG C . 28.17 -4.87 0.66
C4 NAG C . 29.55 -5.37 0.24
C5 NAG C . 30.39 -5.81 1.44
C6 NAG C . 31.86 -5.94 1.04
C7 NAG C . 25.89 -3.95 2.60
C8 NAG C . 24.75 -3.06 2.98
N2 NAG C . 27.00 -3.31 2.23
O3 NAG C . 27.56 -4.25 -0.44
O4 NAG C . 29.39 -6.43 -0.67
O5 NAG C . 30.32 -4.91 2.53
O6 NAG C . 32.39 -4.67 0.72
O7 NAG C . 25.75 -5.17 2.63
C1 NAG D . -33.97 -7.44 2.79
C2 NAG D . -35.27 -6.63 2.90
C3 NAG D . -35.24 -5.66 4.07
C4 NAG D . -34.79 -6.35 5.37
C5 NAG D . -33.52 -7.18 5.13
C6 NAG D . -33.16 -7.98 6.37
C7 NAG D . -36.52 -6.20 0.84
C8 NAG D . -36.73 -5.25 -0.29
N2 NAG D . -35.53 -5.88 1.68
O3 NAG D . -36.53 -5.10 4.27
O4 NAG D . -34.56 -5.38 6.36
O5 NAG D . -33.72 -8.07 4.04
O6 NAG D . -31.99 -8.73 6.13
O7 NAG D . -37.22 -7.20 0.97
C1 NAG E . -30.92 -23.35 -4.21
C2 NAG E . -31.96 -24.35 -4.74
C3 NAG E . -32.68 -25.07 -3.59
C4 NAG E . -31.66 -25.60 -2.56
C5 NAG E . -30.72 -24.48 -2.14
C6 NAG E . -29.72 -24.88 -1.05
C7 NAG E . -33.01 -23.94 -6.91
C8 NAG E . -34.25 -23.45 -7.62
N2 NAG E . -32.93 -23.68 -5.61
O3 NAG E . -33.47 -26.12 -4.08
O4 NAG E . -32.37 -26.12 -1.45
O5 NAG E . -30.04 -23.99 -3.30
O6 NAG E . -28.78 -25.79 -1.57
O7 NAG E . -32.14 -24.52 -7.56
C1 GOL F . 2.86 12.53 6.28
O1 GOL F . 3.39 11.81 5.18
C2 GOL F . 2.85 11.68 7.56
O2 GOL F . 3.66 10.54 7.42
C3 GOL F . 1.42 11.33 7.94
O3 GOL F . 1.35 10.72 9.22
C1 GOL G . -0.60 14.95 5.13
O1 GOL G . 0.18 14.65 6.27
C2 GOL G . -1.96 14.23 5.19
O2 GOL G . -2.10 13.52 6.40
C3 GOL G . -2.12 13.27 4.01
O3 GOL G . -1.81 13.87 2.78
#